data_2KY1
#
_entry.id   2KY1
#
_entity_poly.entity_id   1
_entity_poly.type   'polyribonucleotide'
_entity_poly.pdbx_seq_one_letter_code
;GACUAGAGUCA
;
_entity_poly.pdbx_strand_id   A,B
#